data_1RY6
#
_entry.id   1RY6
#
_cell.length_a   105.588
_cell.length_b   105.588
_cell.length_c   84.771
_cell.angle_alpha   90.00
_cell.angle_beta   90.00
_cell.angle_gamma   120.00
#
_symmetry.space_group_name_H-M   'P 32 2 1'
#
loop_
_entity.id
_entity.type
_entity.pdbx_description
1 polymer 'INTERNAL KINESIN'
2 non-polymer 'SULFATE ION'
3 water water
#
_entity_poly.entity_id   1
_entity_poly.type   'polypeptide(L)'
_entity_poly.pdbx_seq_one_letter_code
;MIKVVVRKRPLSELEKKKKDSDIITVKNNCTLYIDEPRYKVDMTKYIERHEFIVDKVFDDTVDNFTVYENTIKPLIIDLY
ENGCVCSCFAYGQTGSGKTYTMLGSQPYGQSDTPGIFQYAAGDIFTFLNIYDKDNTKGIFISFYEIYCGKLYDLLQKRKM
VAALENGKKEVVVKDLKILRVLTKEELILKMIDGVLLRKIGVNSQNDESSRSHAILNIDLKDINKNTSLGKIAFIDLAGS
ERGADTVSQNKQTQTDGANINRSLLALKECIRAMDSDKNHIPFRDSELTKVLRDIFVGKSKSIMIANISPTISCCEQTLN
TLRYSSRVKNKGNSKLEGKPIPNPLLGLDSSRTGHHHHHH
;
_entity_poly.pdbx_strand_id   A
#
# COMPACT_ATOMS: atom_id res chain seq x y z
N MET A 1 1.09 7.07 14.83
CA MET A 1 2.18 7.77 14.07
C MET A 1 2.38 7.15 12.67
N ILE A 2 2.92 7.95 11.70
CA ILE A 2 3.24 7.49 10.32
C ILE A 2 4.51 8.05 9.67
N LYS A 3 5.28 7.14 9.10
CA LYS A 3 6.48 7.43 8.35
C LYS A 3 6.09 7.29 6.87
N VAL A 4 6.53 8.22 6.05
CA VAL A 4 6.23 8.27 4.63
C VAL A 4 7.52 8.15 3.90
N VAL A 5 7.65 7.12 3.07
CA VAL A 5 8.82 6.91 2.27
C VAL A 5 8.43 6.87 0.78
N VAL A 6 9.34 7.28 -0.09
CA VAL A 6 9.12 7.25 -1.54
C VAL A 6 10.05 6.28 -2.19
N ARG A 7 9.53 5.50 -3.14
CA ARG A 7 10.34 4.59 -3.88
C ARG A 7 10.23 4.91 -5.38
N LYS A 8 11.36 5.23 -6.00
CA LYS A 8 11.42 5.43 -7.43
C LYS A 8 11.66 4.12 -8.13
N ARG A 9 10.78 3.68 -9.05
CA ARG A 9 11.10 2.52 -9.86
C ARG A 9 12.01 2.94 -11.05
N PRO A 10 12.83 2.03 -11.54
CA PRO A 10 13.70 2.30 -12.70
C PRO A 10 12.87 2.24 -14.00
N LEU A 11 13.36 2.91 -15.05
CA LEU A 11 12.79 2.70 -16.40
C LEU A 11 12.69 1.24 -16.77
N SER A 12 11.59 0.83 -17.39
CA SER A 12 11.44 -0.51 -17.94
C SER A 12 12.25 -0.64 -19.26
N GLU A 13 12.40 -1.88 -19.73
CA GLU A 13 13.00 -2.17 -21.06
C GLU A 13 12.28 -1.37 -22.12
N LEU A 14 10.93 -1.41 -22.11
CA LEU A 14 10.12 -0.74 -23.13
C LEU A 14 10.33 0.77 -23.09
N GLU A 15 10.35 1.32 -21.88
CA GLU A 15 10.54 2.74 -21.71
C GLU A 15 11.90 3.19 -22.27
N LYS A 16 12.91 2.35 -22.12
CA LYS A 16 14.27 2.65 -22.57
C LYS A 16 14.32 2.67 -24.11
N LYS A 17 13.72 1.68 -24.74
CA LYS A 17 13.55 1.63 -26.20
C LYS A 17 12.81 2.85 -26.79
N LYS A 18 11.73 3.30 -26.15
CA LYS A 18 11.01 4.49 -26.61
C LYS A 18 11.80 5.73 -26.26
N LYS A 19 12.98 5.54 -25.70
CA LYS A 19 13.82 6.65 -25.27
C LYS A 19 13.07 7.68 -24.44
N ASP A 20 12.21 7.18 -23.54
CA ASP A 20 11.69 8.00 -22.46
C ASP A 20 12.84 8.52 -21.61
N SER A 21 12.69 9.72 -21.08
CA SER A 21 13.68 10.18 -20.14
C SER A 21 13.20 9.88 -18.72
N ASP A 22 14.19 9.69 -17.87
CA ASP A 22 14.04 9.60 -16.45
C ASP A 22 14.18 10.97 -15.94
N ILE A 23 13.14 11.54 -15.34
CA ILE A 23 13.19 12.89 -14.85
C ILE A 23 13.38 13.02 -13.33
N ILE A 24 13.66 11.90 -12.64
CA ILE A 24 13.74 11.92 -11.19
C ILE A 24 15.18 11.79 -10.71
N THR A 25 15.58 12.76 -9.91
CA THR A 25 16.91 12.77 -9.36
C THR A 25 16.81 12.64 -7.87
N VAL A 26 17.38 11.58 -7.34
CA VAL A 26 17.42 11.37 -5.88
C VAL A 26 18.72 11.99 -5.37
N LYS A 27 18.60 13.05 -4.59
CA LYS A 27 19.76 13.83 -4.18
C LYS A 27 20.47 13.12 -3.04
N ASN A 28 19.72 12.75 -2.03
CA ASN A 28 20.25 12.00 -0.89
C ASN A 28 19.15 11.16 -0.25
N ASN A 29 19.43 10.72 0.96
CA ASN A 29 18.52 9.95 1.77
C ASN A 29 17.08 10.42 1.94
N CYS A 30 16.87 11.73 1.88
CA CYS A 30 15.60 12.37 2.18
C CYS A 30 15.08 13.28 1.05
N THR A 31 15.86 13.49 0.00
CA THR A 31 15.53 14.51 -0.97
C THR A 31 15.60 14.02 -2.36
N LEU A 32 14.68 14.48 -3.19
CA LEU A 32 14.63 14.17 -4.61
C LEU A 32 14.09 15.33 -5.46
N TYR A 33 14.50 15.37 -6.71
CA TYR A 33 14.03 16.39 -7.62
C TYR A 33 13.23 15.75 -8.74
N ILE A 34 12.14 16.38 -9.15
CA ILE A 34 11.44 16.07 -10.40
C ILE A 34 11.69 17.22 -11.39
N ASP A 35 12.31 16.95 -12.53
CA ASP A 35 12.54 17.99 -13.54
C ASP A 35 11.47 17.98 -14.59
N GLU A 36 10.47 18.84 -14.46
CA GLU A 36 9.39 18.82 -15.45
C GLU A 36 9.59 19.75 -16.66
N PRO A 37 9.55 19.17 -17.87
CA PRO A 37 9.73 19.93 -19.10
C PRO A 37 8.47 20.71 -19.37
N ARG A 38 8.58 22.03 -19.53
CA ARG A 38 7.46 22.93 -19.83
C ARG A 38 7.71 23.81 -21.06
N TYR A 39 6.65 24.39 -21.61
CA TYR A 39 6.77 25.38 -22.68
C TYR A 39 5.95 26.63 -22.31
N LYS A 40 6.61 27.63 -21.72
CA LYS A 40 5.91 28.80 -21.13
C LYS A 40 6.33 30.19 -21.71
N VAL A 41 5.49 31.20 -21.40
CA VAL A 41 5.66 32.63 -21.75
C VAL A 41 5.73 32.93 -23.27
N ASP A 42 5.30 31.94 -24.09
CA ASP A 42 5.51 31.96 -25.53
C ASP A 42 5.28 30.49 -25.96
N MET A 43 6.31 29.64 -25.82
CA MET A 43 6.26 28.22 -26.21
C MET A 43 7.67 27.71 -26.55
N THR A 44 8.58 27.76 -25.58
CA THR A 44 9.96 27.24 -25.73
C THR A 44 10.44 26.42 -24.51
N LYS A 45 11.35 25.47 -24.77
CA LYS A 45 11.73 24.43 -23.78
C LYS A 45 12.53 24.92 -22.58
N TYR A 46 12.03 24.63 -21.38
CA TYR A 46 12.80 24.81 -20.13
C TYR A 46 12.37 23.79 -19.05
N ILE A 47 13.13 23.73 -17.95
CA ILE A 47 12.86 22.76 -16.88
C ILE A 47 12.52 23.45 -15.56
N GLU A 48 11.34 23.15 -15.02
CA GLU A 48 11.02 23.50 -13.64
C GLU A 48 11.46 22.31 -12.76
N ARG A 49 12.31 22.60 -11.78
CA ARG A 49 12.74 21.66 -10.75
C ARG A 49 11.80 21.79 -9.55
N HIS A 50 11.10 20.69 -9.21
CA HIS A 50 10.30 20.59 -7.97
C HIS A 50 11.09 19.71 -7.01
N GLU A 51 11.44 20.25 -5.85
CA GLU A 51 12.19 19.51 -4.83
C GLU A 51 11.21 19.03 -3.76
N PHE A 52 11.36 17.77 -3.32
CA PHE A 52 10.54 17.21 -2.23
C PHE A 52 11.46 16.52 -1.22
N ILE A 53 11.03 16.62 0.03
CA ILE A 53 11.73 16.10 1.22
C ILE A 53 10.76 15.21 1.98
N VAL A 54 11.14 13.96 2.24
CA VAL A 54 10.32 13.02 2.97
C VAL A 54 11.20 12.32 4.00
N ASP A 55 10.63 11.38 4.74
CA ASP A 55 11.36 10.60 5.75
C ASP A 55 12.50 9.80 5.16
N LYS A 56 12.25 9.10 4.03
CA LYS A 56 13.26 8.33 3.33
C LYS A 56 12.89 8.19 1.82
N VAL A 57 13.88 8.24 0.95
CA VAL A 57 13.69 7.95 -0.46
C VAL A 57 14.59 6.82 -0.83
N PHE A 58 14.04 5.86 -1.56
CA PHE A 58 14.77 4.77 -2.08
C PHE A 58 14.91 5.08 -3.53
N ASP A 59 16.13 5.07 -4.02
CA ASP A 59 16.34 5.24 -5.45
C ASP A 59 16.07 3.95 -6.26
N ASP A 60 16.26 4.02 -7.58
CA ASP A 60 15.85 2.91 -8.47
C ASP A 60 16.75 1.68 -8.45
N THR A 61 17.84 1.73 -7.67
CA THR A 61 18.74 0.57 -7.48
C THR A 61 18.43 -0.20 -6.19
N VAL A 62 17.56 0.33 -5.32
CA VAL A 62 17.31 -0.33 -4.02
C VAL A 62 16.35 -1.54 -4.23
N ASP A 63 16.77 -2.72 -3.79
CA ASP A 63 15.97 -3.94 -3.97
C ASP A 63 14.93 -4.16 -2.88
N ASN A 64 14.08 -5.17 -3.08
CA ASN A 64 13.01 -5.36 -2.19
C ASN A 64 13.42 -5.78 -0.80
N PHE A 65 14.44 -6.62 -0.70
CA PHE A 65 14.91 -7.00 0.61
C PHE A 65 15.34 -5.76 1.45
N THR A 66 16.05 -4.83 0.81
CA THR A 66 16.50 -3.62 1.47
C THR A 66 15.32 -2.72 1.92
N VAL A 67 14.28 -2.65 1.07
CA VAL A 67 13.08 -1.93 1.43
C VAL A 67 12.48 -2.62 2.65
N TYR A 68 12.34 -3.96 2.60
CA TYR A 68 11.75 -4.73 3.69
C TYR A 68 12.46 -4.46 5.01
N GLU A 69 13.79 -4.54 5.00
CA GLU A 69 14.57 -4.46 6.26
C GLU A 69 14.46 -3.09 6.89
N ASN A 70 14.33 -2.09 6.03
CA ASN A 70 14.24 -0.74 6.49
C ASN A 70 12.89 -0.35 7.01
N THR A 71 11.81 -0.83 6.40
CA THR A 71 10.43 -0.38 6.62
C THR A 71 9.59 -1.27 7.42
N ILE A 72 9.61 -2.59 7.13
CA ILE A 72 8.65 -3.49 7.69
C ILE A 72 9.24 -4.26 8.85
N LYS A 73 10.52 -4.64 8.77
CA LYS A 73 11.10 -5.41 9.86
C LYS A 73 10.89 -4.70 11.22
N PRO A 74 11.11 -3.38 11.34
CA PRO A 74 10.86 -2.69 12.63
C PRO A 74 9.42 -2.82 13.13
N LEU A 75 8.46 -2.91 12.21
CA LEU A 75 7.08 -3.06 12.56
C LEU A 75 6.82 -4.47 13.15
N ILE A 76 7.41 -5.50 12.56
CA ILE A 76 7.16 -6.85 13.09
C ILE A 76 7.80 -6.94 14.52
N ILE A 77 8.95 -6.31 14.72
CA ILE A 77 9.57 -6.31 16.04
C ILE A 77 8.60 -5.61 17.03
N ASP A 78 8.01 -4.48 16.66
CA ASP A 78 7.01 -3.77 17.49
C ASP A 78 5.78 -4.59 17.84
N LEU A 79 5.24 -5.30 16.85
CA LEU A 79 4.14 -6.16 17.04
C LEU A 79 4.45 -7.16 18.17
N TYR A 80 5.54 -7.89 18.03
CA TYR A 80 5.83 -8.98 18.96
C TYR A 80 6.28 -8.44 20.35
N GLU A 81 7.11 -7.43 20.36
CA GLU A 81 7.70 -6.92 21.64
C GLU A 81 6.70 -6.07 22.40
N ASN A 82 5.90 -5.30 21.67
CA ASN A 82 5.11 -4.26 22.31
C ASN A 82 3.65 -4.42 22.13
N GLY A 83 3.22 -5.38 21.33
CA GLY A 83 1.81 -5.59 21.08
C GLY A 83 1.18 -4.51 20.15
N CYS A 84 2.02 -3.84 19.42
CA CYS A 84 1.68 -2.75 18.51
C CYS A 84 0.70 -3.17 17.36
N VAL A 85 -0.27 -2.29 17.09
CA VAL A 85 -1.12 -2.31 15.91
C VAL A 85 -0.35 -1.58 14.79
N CYS A 86 -0.08 -2.29 13.68
CA CYS A 86 0.80 -1.81 12.63
C CYS A 86 0.10 -1.85 11.25
N SER A 87 0.59 -1.01 10.37
CA SER A 87 0.09 -0.96 9.00
C SER A 87 1.19 -0.50 8.03
N CYS A 88 1.06 -1.00 6.80
CA CYS A 88 1.91 -0.61 5.70
C CYS A 88 0.97 -0.40 4.47
N PHE A 89 0.94 0.85 3.98
CA PHE A 89 0.22 1.28 2.79
C PHE A 89 1.11 1.34 1.57
N ALA A 90 0.63 0.84 0.44
CA ALA A 90 1.24 1.13 -0.83
C ALA A 90 0.36 2.12 -1.58
N TYR A 91 0.92 3.28 -1.95
CA TYR A 91 0.22 4.38 -2.61
C TYR A 91 0.96 4.73 -3.89
N GLY A 92 0.22 5.01 -4.94
CA GLY A 92 0.69 5.56 -6.19
C GLY A 92 -0.09 5.13 -7.40
N GLN A 93 0.32 5.62 -8.58
CA GLN A 93 -0.46 5.54 -9.75
C GLN A 93 -0.30 4.11 -10.22
N THR A 94 -1.24 3.66 -11.02
CA THR A 94 -1.09 2.35 -11.67
C THR A 94 0.22 2.35 -12.47
N GLY A 95 0.96 1.24 -12.29
CA GLY A 95 2.19 1.07 -12.99
C GLY A 95 3.38 1.58 -12.24
N SER A 96 3.21 2.15 -11.04
CA SER A 96 4.32 2.73 -10.29
C SER A 96 5.19 1.80 -9.46
N GLY A 97 4.81 0.52 -9.35
CA GLY A 97 5.49 -0.44 -8.51
C GLY A 97 4.88 -0.91 -7.21
N LYS A 98 3.57 -0.64 -6.92
CA LYS A 98 2.96 -1.11 -5.68
C LYS A 98 2.99 -2.67 -5.50
N THR A 99 2.56 -3.35 -6.54
CA THR A 99 2.50 -4.80 -6.51
C THR A 99 3.91 -5.44 -6.55
N TYR A 100 4.80 -4.89 -7.34
CA TYR A 100 6.17 -5.37 -7.36
C TYR A 100 6.82 -5.22 -5.94
N THR A 101 6.55 -4.07 -5.29
CA THR A 101 7.04 -3.88 -3.95
C THR A 101 6.51 -4.94 -2.97
N MET A 102 5.22 -5.25 -3.06
CA MET A 102 4.60 -6.17 -2.15
C MET A 102 4.98 -7.64 -2.42
N LEU A 103 5.07 -8.04 -3.70
CA LEU A 103 5.21 -9.44 -4.04
C LEU A 103 6.31 -9.84 -4.97
N GLY A 104 7.05 -8.88 -5.55
CA GLY A 104 8.15 -9.18 -6.42
C GLY A 104 7.71 -9.39 -7.84
N SER A 105 8.52 -10.14 -8.60
CA SER A 105 8.23 -10.27 -10.03
C SER A 105 7.30 -11.49 -10.36
N GLN A 106 6.67 -11.43 -11.51
CA GLN A 106 5.73 -12.49 -11.95
C GLN A 106 6.54 -13.62 -12.62
N PRO A 107 6.09 -14.84 -12.62
CA PRO A 107 4.94 -15.28 -11.84
C PRO A 107 5.21 -15.28 -10.35
N TYR A 108 4.22 -14.86 -9.55
CA TYR A 108 4.38 -14.76 -8.10
C TYR A 108 4.56 -16.12 -7.49
N GLY A 109 5.61 -16.25 -6.69
CA GLY A 109 5.92 -17.50 -6.05
C GLY A 109 6.82 -18.42 -6.84
N GLN A 110 7.02 -18.13 -8.13
CA GLN A 110 7.84 -18.95 -9.00
C GLN A 110 9.19 -18.25 -9.23
N SER A 111 9.12 -16.95 -9.47
CA SER A 111 10.23 -16.02 -9.58
C SER A 111 11.20 -16.03 -8.37
N ASP A 112 12.48 -15.73 -8.62
CA ASP A 112 13.48 -15.56 -7.58
C ASP A 112 13.55 -14.15 -7.04
N THR A 113 12.55 -13.30 -7.29
CA THR A 113 12.60 -11.93 -6.81
C THR A 113 11.31 -11.70 -6.00
N PRO A 114 11.32 -12.07 -4.74
CA PRO A 114 10.17 -11.82 -3.87
C PRO A 114 9.98 -10.37 -3.52
N GLY A 115 8.82 -10.08 -2.96
CA GLY A 115 8.55 -8.75 -2.39
C GLY A 115 8.63 -8.70 -0.87
N ILE A 116 8.21 -7.53 -0.34
CA ILE A 116 8.30 -7.30 1.07
C ILE A 116 7.38 -8.19 1.88
N PHE A 117 6.28 -8.64 1.27
CA PHE A 117 5.40 -9.48 1.92
C PHE A 117 5.98 -10.88 2.25
N GLN A 118 6.68 -11.47 1.28
CA GLN A 118 7.30 -12.75 1.55
C GLN A 118 8.37 -12.68 2.65
N TYR A 119 9.21 -11.65 2.63
CA TYR A 119 10.19 -11.46 3.67
C TYR A 119 9.53 -11.27 5.05
N ALA A 120 8.43 -10.50 5.07
CA ALA A 120 7.66 -10.33 6.27
C ALA A 120 7.07 -11.66 6.80
N ALA A 121 6.55 -12.50 5.93
CA ALA A 121 5.98 -13.74 6.34
C ALA A 121 7.03 -14.64 7.03
N GLY A 122 8.25 -14.64 6.49
CA GLY A 122 9.30 -15.38 7.09
C GLY A 122 9.62 -14.93 8.48
N ASP A 123 9.74 -13.61 8.69
CA ASP A 123 10.10 -13.12 9.99
C ASP A 123 8.94 -13.23 11.01
N ILE A 124 7.69 -13.20 10.53
CA ILE A 124 6.49 -13.35 11.35
C ILE A 124 6.51 -14.75 11.96
N PHE A 125 6.83 -15.77 11.15
CA PHE A 125 6.94 -17.07 11.73
C PHE A 125 8.15 -17.43 12.56
N THR A 126 9.32 -16.85 12.25
CA THR A 126 10.46 -16.96 13.08
C THR A 126 10.21 -16.34 14.47
N PHE A 127 9.64 -15.15 14.48
CA PHE A 127 9.29 -14.52 15.71
C PHE A 127 8.22 -15.31 16.49
N LEU A 128 7.26 -15.90 15.81
CA LEU A 128 6.24 -16.70 16.47
C LEU A 128 6.94 -17.83 17.26
N ASN A 129 7.95 -18.47 16.62
CA ASN A 129 8.65 -19.56 17.26
C ASN A 129 9.46 -19.05 18.45
N ILE A 130 10.00 -17.83 18.41
CA ILE A 130 10.64 -17.28 19.59
C ILE A 130 9.66 -17.01 20.75
N TYR A 131 8.52 -16.46 20.40
CA TYR A 131 7.53 -16.01 21.38
C TYR A 131 6.58 -17.08 21.81
N ASP A 132 6.64 -18.28 21.22
CA ASP A 132 5.72 -19.34 21.56
C ASP A 132 6.27 -20.71 21.17
N LYS A 133 6.50 -21.58 22.13
CA LYS A 133 6.86 -22.98 21.74
C LYS A 133 5.86 -24.05 22.17
N ASP A 134 4.71 -23.57 22.64
CA ASP A 134 3.71 -24.39 23.33
C ASP A 134 2.38 -24.37 22.62
N ASN A 135 2.37 -23.83 21.41
CA ASN A 135 1.15 -23.76 20.66
C ASN A 135 0.10 -23.08 21.54
N THR A 136 0.42 -21.94 22.14
CA THR A 136 -0.60 -21.10 22.79
C THR A 136 -0.98 -19.84 22.02
N LYS A 137 -0.19 -19.51 20.99
CA LYS A 137 -0.42 -18.30 20.16
C LYS A 137 -0.44 -18.67 18.70
N GLY A 138 -1.14 -17.90 17.88
CA GLY A 138 -1.28 -18.20 16.50
C GLY A 138 -1.52 -16.98 15.61
N ILE A 139 -1.32 -17.21 14.31
CA ILE A 139 -1.47 -16.18 13.27
C ILE A 139 -2.78 -16.47 12.55
N PHE A 140 -3.59 -15.42 12.40
CA PHE A 140 -4.95 -15.45 11.86
C PHE A 140 -5.06 -14.27 10.87
N ILE A 141 -5.47 -14.59 9.67
CA ILE A 141 -5.58 -13.63 8.57
C ILE A 141 -7.01 -13.41 8.05
N SER A 142 -7.23 -12.21 7.49
CA SER A 142 -8.38 -11.87 6.71
C SER A 142 -7.81 -11.17 5.48
N PHE A 143 -8.46 -11.26 4.35
CA PHE A 143 -8.00 -10.58 3.12
C PHE A 143 -9.23 -10.26 2.31
N TYR A 144 -9.39 -8.99 1.99
CA TYR A 144 -10.55 -8.52 1.24
C TYR A 144 -10.27 -7.29 0.36
N GLU A 145 -11.13 -7.12 -0.60
CA GLU A 145 -11.14 -6.02 -1.55
C GLU A 145 -12.23 -5.01 -1.14
N ILE A 146 -11.92 -3.71 -1.26
CA ILE A 146 -12.92 -2.64 -1.16
C ILE A 146 -13.09 -2.04 -2.53
N TYR A 147 -14.26 -2.23 -3.12
CA TYR A 147 -14.55 -1.74 -4.44
C TYR A 147 -15.91 -0.97 -4.34
N CYS A 148 -15.89 0.30 -4.73
CA CYS A 148 -17.13 1.15 -4.73
C CYS A 148 -17.73 1.16 -3.36
N GLY A 149 -16.88 1.25 -2.36
CA GLY A 149 -17.32 1.28 -0.96
C GLY A 149 -17.85 0.02 -0.34
N LYS A 150 -17.78 -1.12 -1.03
CA LYS A 150 -18.26 -2.35 -0.52
C LYS A 150 -17.11 -3.40 -0.38
N LEU A 151 -17.29 -4.42 0.47
CA LEU A 151 -16.27 -5.43 0.76
C LEU A 151 -16.53 -6.72 0.07
N TYR A 152 -15.43 -7.36 -0.40
CA TYR A 152 -15.49 -8.62 -1.11
C TYR A 152 -14.37 -9.49 -0.53
N ASP A 153 -14.69 -10.72 -0.10
CA ASP A 153 -13.75 -11.54 0.62
C ASP A 153 -12.81 -12.19 -0.40
N LEU A 154 -11.50 -11.96 -0.30
CA LEU A 154 -10.54 -12.61 -1.19
C LEU A 154 -10.00 -13.97 -0.68
N LEU A 155 -10.51 -14.45 0.44
CA LEU A 155 -10.18 -15.81 0.88
C LEU A 155 -11.30 -16.77 0.42
N GLN A 156 -12.47 -16.27 0.03
CA GLN A 156 -13.55 -17.07 -0.65
C GLN A 156 -13.22 -17.67 -2.03
N LYS A 168 -19.43 -12.25 -7.60
CA LYS A 168 -19.26 -12.66 -6.22
C LYS A 168 -19.82 -11.62 -5.24
N LYS A 169 -20.45 -12.09 -4.17
CA LYS A 169 -21.34 -11.27 -3.36
C LYS A 169 -20.58 -10.46 -2.31
N GLU A 170 -21.14 -9.30 -2.01
CA GLU A 170 -20.63 -8.42 -1.01
C GLU A 170 -20.81 -9.06 0.40
N VAL A 171 -19.92 -8.70 1.33
CA VAL A 171 -19.97 -9.14 2.74
C VAL A 171 -19.83 -7.96 3.68
N VAL A 172 -20.37 -8.05 4.89
CA VAL A 172 -20.03 -7.09 5.95
C VAL A 172 -18.80 -7.59 6.71
N VAL A 173 -18.12 -6.74 7.50
CA VAL A 173 -16.83 -7.07 8.10
C VAL A 173 -16.88 -8.34 8.97
N LYS A 174 -17.95 -8.47 9.77
CA LYS A 174 -18.05 -9.59 10.72
C LYS A 174 -18.19 -10.93 10.00
N ASP A 175 -18.59 -10.93 8.73
CA ASP A 175 -18.74 -12.17 7.94
C ASP A 175 -17.47 -12.55 7.15
N LEU A 176 -16.42 -11.74 7.17
CA LEU A 176 -15.16 -12.09 6.49
C LEU A 176 -14.53 -13.37 7.07
N LYS A 177 -14.00 -14.22 6.19
CA LYS A 177 -13.38 -15.42 6.64
C LYS A 177 -12.09 -15.05 7.40
N ILE A 178 -11.87 -15.69 8.55
CA ILE A 178 -10.66 -15.53 9.36
C ILE A 178 -9.98 -16.90 9.31
N LEU A 179 -8.74 -16.95 8.84
CA LEU A 179 -8.09 -18.24 8.64
C LEU A 179 -6.83 -18.35 9.49
N ARG A 180 -6.68 -19.44 10.24
CA ARG A 180 -5.45 -19.68 10.96
C ARG A 180 -4.36 -20.16 9.99
N VAL A 181 -3.17 -19.61 10.04
CA VAL A 181 -2.10 -20.09 9.14
C VAL A 181 -0.90 -20.55 9.98
N LEU A 182 -0.30 -21.68 9.62
CA LEU A 182 0.73 -22.33 10.45
C LEU A 182 2.16 -22.21 9.93
N THR A 183 2.32 -21.88 8.67
CA THR A 183 3.64 -21.65 8.11
C THR A 183 3.72 -20.45 7.23
N LYS A 184 4.96 -19.99 7.01
CA LYS A 184 5.16 -18.91 6.11
C LYS A 184 4.68 -19.25 4.68
N GLU A 185 4.84 -20.49 4.25
CA GLU A 185 4.43 -20.89 2.91
C GLU A 185 2.92 -20.75 2.69
N GLU A 186 2.14 -21.16 3.68
CA GLU A 186 0.70 -21.05 3.64
C GLU A 186 0.28 -19.56 3.63
N LEU A 187 0.94 -18.75 4.43
CA LEU A 187 0.60 -17.32 4.45
C LEU A 187 0.87 -16.69 3.05
N ILE A 188 2.03 -17.01 2.47
CA ILE A 188 2.38 -16.52 1.18
C ILE A 188 1.45 -16.98 0.06
N LEU A 189 1.04 -18.24 0.13
CA LEU A 189 0.14 -18.80 -0.87
C LEU A 189 -1.25 -18.09 -0.81
N LYS A 190 -1.71 -17.78 0.41
CA LYS A 190 -3.00 -17.09 0.56
C LYS A 190 -2.94 -15.64 0.07
N MET A 191 -1.82 -14.96 0.30
CA MET A 191 -1.63 -13.63 -0.23
C MET A 191 -1.57 -13.65 -1.77
N ILE A 192 -0.74 -14.54 -2.32
CA ILE A 192 -0.62 -14.60 -3.76
C ILE A 192 -1.96 -14.87 -4.45
N ASP A 193 -2.69 -15.85 -3.96
CA ASP A 193 -3.90 -16.30 -4.59
C ASP A 193 -5.00 -15.21 -4.52
N GLY A 194 -5.01 -14.45 -3.43
CA GLY A 194 -5.91 -13.33 -3.25
C GLY A 194 -5.60 -12.16 -4.20
N VAL A 195 -4.31 -11.83 -4.32
CA VAL A 195 -3.92 -10.84 -5.31
C VAL A 195 -4.30 -11.26 -6.75
N LEU A 196 -4.08 -12.54 -7.10
CA LEU A 196 -4.40 -13.00 -8.43
C LEU A 196 -5.93 -13.04 -8.71
N LEU A 197 -6.68 -13.39 -7.69
CA LEU A 197 -8.14 -13.38 -7.78
C LEU A 197 -8.65 -11.92 -8.04
N ARG A 198 -8.08 -10.96 -7.30
CA ARG A 198 -8.46 -9.57 -7.57
C ARG A 198 -8.06 -9.07 -8.98
N LYS A 199 -6.94 -9.59 -9.49
CA LYS A 199 -6.50 -9.29 -10.82
C LYS A 199 -7.46 -9.80 -11.95
N ILE A 200 -8.17 -10.90 -11.72
CA ILE A 200 -9.18 -11.43 -12.64
C ILE A 200 -10.41 -10.54 -12.66
N GLY A 201 -10.71 -9.86 -11.56
CA GLY A 201 -11.88 -8.99 -11.52
C GLY A 201 -13.06 -9.69 -10.86
N VAL A 202 -13.18 -9.62 -9.56
CA VAL A 202 -14.32 -10.26 -8.89
C VAL A 202 -15.70 -9.66 -9.23
N ASN A 203 -15.71 -8.39 -9.59
CA ASN A 203 -16.89 -7.73 -10.05
C ASN A 203 -16.93 -7.55 -11.60
N SER A 204 -16.06 -8.23 -12.33
CA SER A 204 -16.03 -8.14 -13.80
C SER A 204 -15.74 -6.79 -14.35
N GLN A 205 -14.95 -5.99 -13.63
CA GLN A 205 -14.56 -4.68 -14.13
C GLN A 205 -13.16 -4.68 -14.69
N ASN A 206 -12.95 -3.88 -15.72
CA ASN A 206 -11.65 -3.85 -16.42
C ASN A 206 -10.58 -3.28 -15.45
N ASP A 207 -9.43 -3.97 -15.31
CA ASP A 207 -8.37 -3.60 -14.35
C ASP A 207 -8.98 -3.22 -12.96
N GLU A 208 -9.76 -4.13 -12.43
CA GLU A 208 -10.37 -3.96 -11.14
C GLU A 208 -9.36 -3.80 -10.02
N SER A 209 -8.18 -4.42 -10.13
CA SER A 209 -7.19 -4.29 -9.13
C SER A 209 -6.73 -2.81 -8.97
N SER A 210 -6.60 -2.07 -10.07
CA SER A 210 -6.21 -0.65 -10.03
C SER A 210 -7.32 0.19 -9.48
N ARG A 211 -8.52 -0.32 -9.54
CA ARG A 211 -9.76 0.48 -9.22
C ARG A 211 -10.44 0.04 -7.89
N SER A 212 -9.65 -0.58 -7.03
CA SER A 212 -10.06 -1.08 -5.72
C SER A 212 -8.88 -1.09 -4.75
N HIS A 213 -9.19 -1.15 -3.47
CA HIS A 213 -8.20 -1.32 -2.42
C HIS A 213 -8.21 -2.80 -1.99
N ALA A 214 -7.06 -3.27 -1.48
CA ALA A 214 -7.03 -4.56 -0.84
C ALA A 214 -6.33 -4.50 0.47
N ILE A 215 -6.86 -5.19 1.45
CA ILE A 215 -6.36 -5.21 2.79
C ILE A 215 -6.13 -6.65 3.29
N LEU A 216 -4.89 -6.96 3.62
CA LEU A 216 -4.53 -8.26 4.28
C LEU A 216 -4.21 -7.95 5.73
N ASN A 217 -5.04 -8.43 6.65
CA ASN A 217 -4.77 -8.29 8.10
C ASN A 217 -4.14 -9.57 8.69
N ILE A 218 -3.00 -9.40 9.36
CA ILE A 218 -2.27 -10.50 10.02
C ILE A 218 -2.37 -10.20 11.53
N ASP A 219 -3.14 -11.01 12.25
CA ASP A 219 -3.32 -10.87 13.69
C ASP A 219 -2.66 -12.03 14.51
N LEU A 220 -1.86 -11.66 15.47
CA LEU A 220 -1.26 -12.56 16.44
C LEU A 220 -2.29 -12.70 17.60
N LYS A 221 -2.79 -13.89 17.85
CA LYS A 221 -3.83 -14.05 18.92
C LYS A 221 -3.39 -15.11 19.95
N ASP A 222 -3.81 -14.87 21.19
CA ASP A 222 -3.83 -15.87 22.27
C ASP A 222 -4.94 -16.84 21.94
N ILE A 223 -4.63 -18.07 21.57
CA ILE A 223 -5.60 -18.94 20.95
C ILE A 223 -6.76 -19.26 21.88
N ASN A 224 -6.47 -19.49 23.15
CA ASN A 224 -7.52 -19.90 24.11
C ASN A 224 -8.38 -18.71 24.53
N LYS A 225 -7.77 -17.57 24.85
CA LYS A 225 -8.52 -16.34 25.16
C LYS A 225 -9.17 -15.65 23.94
N ASN A 226 -8.78 -16.07 22.73
CA ASN A 226 -9.22 -15.43 21.49
C ASN A 226 -9.07 -13.90 21.51
N THR A 227 -7.94 -13.42 22.01
CA THR A 227 -7.64 -12.00 22.05
C THR A 227 -6.38 -11.67 21.22
N SER A 228 -6.34 -10.44 20.73
CA SER A 228 -5.19 -9.97 19.95
C SER A 228 -4.04 -9.52 20.80
N LEU A 229 -2.82 -9.90 20.37
CA LEU A 229 -1.58 -9.54 21.00
C LEU A 229 -0.73 -8.64 20.08
N GLY A 230 -1.35 -8.11 19.04
CA GLY A 230 -0.69 -7.27 18.03
C GLY A 230 -1.12 -7.71 16.64
N LYS A 231 -0.99 -6.84 15.66
CA LYS A 231 -1.38 -7.12 14.29
C LYS A 231 -0.65 -6.21 13.30
N ILE A 232 -0.60 -6.65 12.06
CA ILE A 232 -0.15 -5.84 10.95
C ILE A 232 -1.05 -6.03 9.74
N ALA A 233 -1.48 -4.89 9.18
CA ALA A 233 -2.26 -4.83 7.95
C ALA A 233 -1.41 -4.31 6.77
N PHE A 234 -1.47 -5.00 5.63
CA PHE A 234 -0.86 -4.56 4.40
C PHE A 234 -1.99 -4.08 3.50
N ILE A 235 -1.91 -2.79 3.07
CA ILE A 235 -2.99 -2.16 2.27
C ILE A 235 -2.44 -1.73 0.92
N ASP A 236 -2.94 -2.34 -0.15
CA ASP A 236 -2.62 -1.97 -1.49
C ASP A 236 -3.72 -1.03 -1.97
N LEU A 237 -3.45 0.26 -1.99
CA LEU A 237 -4.51 1.26 -2.38
C LEU A 237 -4.82 1.24 -3.87
N ALA A 238 -6.02 1.64 -4.25
CA ALA A 238 -6.40 1.96 -5.63
C ALA A 238 -5.35 2.92 -6.24
N GLY A 239 -5.18 2.83 -7.55
CA GLY A 239 -4.39 3.75 -8.32
C GLY A 239 -4.77 5.21 -8.06
N SER A 240 -3.78 5.99 -7.68
CA SER A 240 -4.01 7.35 -7.27
C SER A 240 -4.46 8.22 -8.44
N GLU A 241 -4.25 7.78 -9.69
CA GLU A 241 -4.81 8.46 -10.88
C GLU A 241 -6.29 8.17 -11.15
N ARG A 242 -6.84 7.11 -10.55
CA ARG A 242 -8.14 6.59 -10.88
C ARG A 242 -9.30 7.49 -10.50
N GLY A 243 -9.03 8.59 -9.79
CA GLY A 243 -10.15 9.51 -9.52
C GLY A 243 -10.64 10.13 -10.84
N ALA A 244 -9.82 10.09 -11.90
CA ALA A 244 -10.22 10.47 -13.27
C ALA A 244 -11.35 9.67 -13.88
N ASP A 245 -11.62 8.50 -13.31
CA ASP A 245 -12.74 7.70 -13.68
C ASP A 245 -14.09 8.39 -13.45
N THR A 246 -14.08 9.45 -12.62
CA THR A 246 -15.35 10.05 -12.29
C THR A 246 -16.10 10.68 -13.48
N VAL A 247 -15.38 11.04 -14.53
CA VAL A 247 -15.97 11.56 -15.77
C VAL A 247 -16.45 10.50 -16.76
N SER A 248 -16.21 9.22 -16.48
CA SER A 248 -16.59 8.19 -17.41
C SER A 248 -18.11 8.17 -17.63
N GLN A 249 -18.52 7.81 -18.84
CA GLN A 249 -19.96 7.59 -19.07
C GLN A 249 -20.41 6.18 -18.73
N ASN A 250 -19.48 5.28 -18.37
CA ASN A 250 -19.84 3.97 -17.81
C ASN A 250 -20.17 4.22 -16.35
N LYS A 251 -21.39 3.89 -15.95
CA LYS A 251 -21.83 4.16 -14.60
C LYS A 251 -20.97 3.48 -13.46
N GLN A 252 -20.59 2.22 -13.64
CA GLN A 252 -19.70 1.56 -12.66
C GLN A 252 -18.36 2.25 -12.50
N THR A 253 -17.77 2.64 -13.62
CA THR A 253 -16.47 3.27 -13.67
C THR A 253 -16.59 4.65 -12.99
N GLN A 254 -17.67 5.39 -13.31
CA GLN A 254 -17.94 6.68 -12.64
C GLN A 254 -17.97 6.51 -11.11
N THR A 255 -18.69 5.51 -10.64
CA THR A 255 -18.80 5.19 -9.24
C THR A 255 -17.47 4.82 -8.59
N ASP A 256 -16.62 4.04 -9.26
CA ASP A 256 -15.33 3.79 -8.67
C ASP A 256 -14.51 5.06 -8.58
N GLY A 257 -14.58 5.94 -9.58
CA GLY A 257 -13.87 7.18 -9.52
C GLY A 257 -14.27 8.01 -8.30
N ALA A 258 -15.57 8.13 -8.04
CA ALA A 258 -16.02 8.98 -6.91
C ALA A 258 -15.56 8.33 -5.61
N ASN A 259 -15.63 6.99 -5.56
CA ASN A 259 -15.26 6.28 -4.36
C ASN A 259 -13.77 6.36 -4.06
N ILE A 260 -12.92 6.36 -5.11
CA ILE A 260 -11.50 6.36 -4.92
C ILE A 260 -11.15 7.76 -4.49
N ASN A 261 -11.79 8.77 -5.11
CA ASN A 261 -11.51 10.14 -4.63
C ASN A 261 -11.86 10.27 -3.15
N ARG A 262 -13.02 9.85 -2.77
CA ARG A 262 -13.48 9.96 -1.39
C ARG A 262 -12.61 9.20 -0.39
N SER A 263 -12.22 7.95 -0.73
CA SER A 263 -11.45 7.11 0.17
C SER A 263 -10.05 7.68 0.37
N LEU A 264 -9.38 8.17 -0.69
CA LEU A 264 -8.07 8.68 -0.58
C LEU A 264 -8.03 10.03 0.18
N LEU A 265 -9.02 10.87 -0.06
CA LEU A 265 -9.12 12.09 0.76
C LEU A 265 -9.37 11.74 2.24
N ALA A 266 -10.34 10.86 2.52
CA ALA A 266 -10.62 10.35 3.86
C ALA A 266 -9.41 9.83 4.58
N LEU A 267 -8.55 9.10 3.84
CA LEU A 267 -7.35 8.60 4.42
C LEU A 267 -6.39 9.68 4.83
N LYS A 268 -6.20 10.68 3.96
CA LYS A 268 -5.39 11.84 4.27
C LYS A 268 -5.91 12.56 5.55
N GLU A 269 -7.22 12.81 5.64
CA GLU A 269 -7.80 13.47 6.81
C GLU A 269 -7.57 12.70 8.13
N CYS A 270 -7.78 11.40 8.08
CA CYS A 270 -7.53 10.52 9.22
C CYS A 270 -6.10 10.44 9.68
N ILE A 271 -5.15 10.44 8.74
CA ILE A 271 -3.74 10.46 9.09
C ILE A 271 -3.38 11.82 9.68
N ARG A 272 -3.90 12.88 9.09
CA ARG A 272 -3.66 14.22 9.60
C ARG A 272 -4.22 14.46 11.00
N ALA A 273 -5.41 13.94 11.26
CA ALA A 273 -6.03 13.99 12.59
C ALA A 273 -5.16 13.23 13.61
N MET A 274 -4.84 12.00 13.28
CA MET A 274 -3.95 11.16 14.07
C MET A 274 -2.68 11.95 14.48
N ASP A 275 -2.09 12.68 13.52
CA ASP A 275 -0.78 13.31 13.70
C ASP A 275 -0.87 14.67 14.41
N SER A 276 -2.01 15.00 15.00
CA SER A 276 -2.19 16.34 15.56
C SER A 276 -3.52 16.52 16.25
N ASP A 277 -4.58 16.78 15.45
CA ASP A 277 -5.93 17.20 15.95
C ASP A 277 -6.76 16.00 16.46
N LYS A 278 -6.17 15.29 17.43
CA LYS A 278 -6.26 13.83 17.50
C LYS A 278 -7.40 13.25 18.32
N ASN A 279 -8.17 14.11 18.98
CA ASN A 279 -9.28 13.63 19.82
C ASN A 279 -10.29 12.80 19.00
N HIS A 280 -10.69 13.35 17.85
CA HIS A 280 -11.75 12.81 17.01
C HIS A 280 -11.09 12.45 15.65
N ILE A 281 -11.10 11.17 15.30
CA ILE A 281 -10.61 10.76 13.97
C ILE A 281 -11.80 10.61 13.10
N PRO A 282 -11.79 11.24 11.92
CA PRO A 282 -12.95 11.17 11.05
C PRO A 282 -13.05 9.87 10.22
N PHE A 283 -12.84 8.73 10.88
CA PHE A 283 -12.86 7.43 10.19
C PHE A 283 -14.11 7.05 9.46
N ARG A 284 -15.25 7.67 9.83
CA ARG A 284 -16.51 7.45 9.14
C ARG A 284 -16.61 8.21 7.78
N ASP A 285 -15.57 8.94 7.42
CA ASP A 285 -15.54 9.64 6.14
C ASP A 285 -15.55 8.68 4.89
N SER A 286 -15.13 7.40 5.08
CA SER A 286 -15.09 6.43 3.97
C SER A 286 -15.10 5.01 4.49
N GLU A 287 -15.58 4.07 3.68
CA GLU A 287 -15.53 2.68 4.10
C GLU A 287 -14.10 2.22 4.37
N LEU A 288 -13.15 2.64 3.52
CA LEU A 288 -11.74 2.34 3.73
C LEU A 288 -11.22 2.75 5.15
N THR A 289 -11.47 4.00 5.55
CA THR A 289 -11.05 4.44 6.83
C THR A 289 -11.84 3.82 7.99
N LYS A 290 -13.07 3.42 7.76
CA LYS A 290 -13.92 2.84 8.76
C LYS A 290 -13.38 1.43 9.13
N VAL A 291 -13.14 0.60 8.10
CA VAL A 291 -12.54 -0.72 8.36
C VAL A 291 -11.14 -0.64 8.99
N LEU A 292 -10.39 0.39 8.68
CA LEU A 292 -9.10 0.58 9.23
C LEU A 292 -9.03 1.48 10.49
N ARG A 293 -10.17 1.76 11.13
CA ARG A 293 -10.17 2.77 12.24
C ARG A 293 -9.11 2.52 13.32
N ASP A 294 -8.84 1.25 13.66
CA ASP A 294 -7.83 0.95 14.70
C ASP A 294 -6.45 1.44 14.41
N ILE A 295 -6.10 1.72 13.15
CA ILE A 295 -4.75 2.21 12.91
C ILE A 295 -4.55 3.67 13.22
N PHE A 296 -5.61 4.44 13.43
CA PHE A 296 -5.47 5.89 13.58
C PHE A 296 -5.31 6.40 15.04
N VAL A 297 -5.04 5.48 15.96
CA VAL A 297 -5.07 5.78 17.41
C VAL A 297 -3.75 6.14 18.16
N GLY A 298 -2.81 6.88 17.54
CA GLY A 298 -1.67 7.45 18.28
C GLY A 298 -0.53 6.51 18.70
N LYS A 299 -0.85 5.43 19.42
CA LYS A 299 0.11 4.33 19.73
C LYS A 299 0.44 3.31 18.56
N SER A 300 -0.40 3.28 17.55
CA SER A 300 -0.15 2.54 16.31
C SER A 300 1.11 2.94 15.62
N LYS A 301 1.65 2.07 14.77
CA LYS A 301 2.88 2.34 14.04
C LYS A 301 2.59 2.03 12.55
N SER A 302 2.71 3.03 11.69
CA SER A 302 2.34 2.89 10.27
C SER A 302 3.41 3.45 9.35
N ILE A 303 3.44 2.90 8.15
CA ILE A 303 4.27 3.39 7.10
C ILE A 303 3.48 3.43 5.82
N MET A 304 3.74 4.47 5.03
CA MET A 304 3.23 4.58 3.66
C MET A 304 4.38 4.63 2.69
N ILE A 305 4.37 3.65 1.78
CA ILE A 305 5.31 3.65 0.71
C ILE A 305 4.62 4.27 -0.49
N ALA A 306 5.16 5.40 -0.94
CA ALA A 306 4.65 6.10 -2.10
C ALA A 306 5.54 5.76 -3.27
N ASN A 307 4.98 4.95 -4.15
CA ASN A 307 5.65 4.56 -5.40
C ASN A 307 5.48 5.53 -6.53
N ILE A 308 6.59 5.81 -7.26
CA ILE A 308 6.55 6.73 -8.39
C ILE A 308 7.27 6.17 -9.61
N SER A 309 6.66 6.44 -10.74
CA SER A 309 7.18 6.13 -12.07
C SER A 309 8.06 7.33 -12.52
N PRO A 310 9.16 7.07 -13.20
CA PRO A 310 10.15 8.09 -13.51
C PRO A 310 10.04 8.87 -14.84
N THR A 311 9.06 8.57 -15.67
CA THR A 311 9.01 9.13 -17.02
C THR A 311 8.35 10.48 -17.11
N ILE A 312 8.63 11.21 -18.21
CA ILE A 312 7.88 12.42 -18.52
C ILE A 312 6.35 12.25 -18.58
N SER A 313 5.85 11.20 -19.21
CA SER A 313 4.40 11.01 -19.34
C SER A 313 3.72 10.84 -17.98
N CYS A 314 4.47 10.41 -16.96
CA CYS A 314 3.91 10.26 -15.59
C CYS A 314 4.11 11.48 -14.71
N CYS A 315 4.71 12.56 -15.24
CA CYS A 315 5.08 13.70 -14.39
C CYS A 315 3.92 14.27 -13.56
N GLU A 316 2.75 14.49 -14.17
CA GLU A 316 1.61 15.09 -13.43
C GLU A 316 1.18 14.20 -12.25
N GLN A 317 1.09 12.90 -12.50
CA GLN A 317 0.73 11.98 -11.43
C GLN A 317 1.81 11.82 -10.35
N THR A 318 3.08 11.88 -10.75
CA THR A 318 4.20 11.81 -9.81
C THR A 318 4.24 13.02 -8.88
N LEU A 319 4.05 14.19 -9.49
CA LEU A 319 3.77 15.37 -8.66
C LEU A 319 2.55 15.25 -7.77
N ASN A 320 1.42 14.72 -8.22
CA ASN A 320 0.27 14.54 -7.35
C ASN A 320 0.63 13.62 -6.12
N THR A 321 1.32 12.52 -6.42
CA THR A 321 1.70 11.57 -5.40
C THR A 321 2.62 12.18 -4.34
N LEU A 322 3.59 12.97 -4.80
CA LEU A 322 4.54 13.58 -3.89
C LEU A 322 3.93 14.73 -3.07
N ARG A 323 3.01 15.46 -3.68
CA ARG A 323 2.23 16.44 -2.96
C ARG A 323 1.35 15.80 -1.89
N TYR A 324 0.63 14.72 -2.23
CA TYR A 324 -0.15 13.99 -1.28
C TYR A 324 0.71 13.46 -0.09
N SER A 325 1.94 13.01 -0.40
CA SER A 325 2.83 12.39 0.56
C SER A 325 3.34 13.42 1.53
N SER A 326 3.51 14.65 1.03
CA SER A 326 3.88 15.82 1.85
C SER A 326 2.76 16.25 2.86
N ARG A 327 1.51 16.16 2.46
CA ARG A 327 0.37 16.55 3.26
C ARG A 327 0.00 15.54 4.34
N VAL A 328 0.26 14.26 4.08
CA VAL A 328 -0.11 13.25 5.07
C VAL A 328 0.96 13.20 6.19
N LYS A 329 2.22 13.48 5.85
CA LYS A 329 3.29 13.56 6.84
C LYS A 329 2.95 14.66 7.88
N ASN A 330 2.10 15.62 7.50
CA ASN A 330 1.57 16.63 8.44
C ASN A 330 0.50 16.07 9.40
#